data_4DJ4
#
_entry.id   4DJ4
#
_cell.length_a   113.322
_cell.length_b   113.322
_cell.length_c   138.322
_cell.angle_alpha   90.00
_cell.angle_beta   90.00
_cell.angle_gamma   120.00
#
_symmetry.space_group_name_H-M   'H 3'
#
loop_
_entity.id
_entity.type
_entity.pdbx_description
1 polymer Nuclease
2 branched 2-acetamido-2-deoxy-beta-D-glucopyranose-(1-4)-2-acetamido-2-deoxy-beta-D-glucopyranose
3 branched alpha-D-mannopyranose-(1-3)-[alpha-D-mannopyranose-(1-6)]beta-D-mannopyranose-(1-4)-2-acetamido-2-deoxy-beta-D-glucopyranose-(1-4)-2-acetamido-2-deoxy-beta-D-glucopyranose
4 branched alpha-D-mannopyranose-(1-3)-beta-D-mannopyranose-(1-4)-2-acetamido-2-deoxy-beta-D-glucopyranose-(1-4)-2-acetamido-2-deoxy-beta-D-glucopyranose
5 non-polymer 'ZINC ION'
6 non-polymer 'CHLORIDE ION'
7 non-polymer 'SODIUM ION'
8 water water
#
_entity_poly.entity_id   1
_entity_poly.type   'polypeptide(L)'
_entity_poly.pdbx_seq_one_letter_code
;WSKEGHVMTCRIAQGLLNDEAAHAVKMLLPEYVNGDLSALCVWPDQVRHWYKYKWTSPLHFIDTPDKACNFDYERDCHDQ
HGVKDMCVAGAIQNFTTQLSHYREGTSDRRYNMTEALLFLSHFMGDIHQPMHVGFTSDAGGNSIDLRWFRHKSNLHHVWD
REIILTAAKDYYAKDINLLEEDIEGDFTDGIWSDDLASWRECGNVFSCVNKFATESINIACKWGYKGVEAGETLSDDYFN
SRLPIVMKRVAQGGIRLAMLLNNVFGASQQEDSVVAT
;
_entity_poly.pdbx_strand_id   A,B
#
loop_
_chem_comp.id
_chem_comp.type
_chem_comp.name
_chem_comp.formula
BMA D-saccharide, beta linking beta-D-mannopyranose 'C6 H12 O6'
CL non-polymer 'CHLORIDE ION' 'Cl -1'
MAN D-saccharide, alpha linking alpha-D-mannopyranose 'C6 H12 O6'
NA non-polymer 'SODIUM ION' 'Na 1'
NAG D-saccharide, beta linking 2-acetamido-2-deoxy-beta-D-glucopyranose 'C8 H15 N O6'
ZN non-polymer 'ZINC ION' 'Zn 2'
#
# COMPACT_ATOMS: atom_id res chain seq x y z
N TRP A 1 11.61 -17.23 8.92
CA TRP A 1 12.50 -17.14 10.12
C TRP A 1 11.65 -17.04 11.34
N SER A 2 12.22 -17.48 12.47
CA SER A 2 11.68 -17.11 13.77
C SER A 2 12.04 -15.61 14.03
N LYS A 3 11.69 -15.11 15.20
CA LYS A 3 11.80 -13.71 15.57
C LYS A 3 13.14 -13.06 15.14
N GLU A 4 14.24 -13.69 15.54
CA GLU A 4 15.58 -13.11 15.39
C GLU A 4 16.01 -12.89 13.93
N GLY A 5 15.65 -13.80 13.04
CA GLY A 5 15.98 -13.63 11.64
C GLY A 5 15.26 -12.44 11.05
N HIS A 6 13.99 -12.27 11.44
CA HIS A 6 13.23 -11.12 10.99
C HIS A 6 13.74 -9.81 11.55
N VAL A 7 14.04 -9.78 12.85
CA VAL A 7 14.54 -8.52 13.48
C VAL A 7 15.82 -8.03 12.83
N MET A 8 16.73 -8.96 12.56
CA MET A 8 18.00 -8.65 11.92
C MET A 8 17.77 -8.24 10.46
N THR A 9 16.99 -9.03 9.74
CA THR A 9 16.73 -8.71 8.35
C THR A 9 16.24 -7.26 8.22
N CYS A 10 15.30 -6.87 9.09
CA CYS A 10 14.65 -5.54 9.02
C CYS A 10 15.48 -4.39 9.63
N ARG A 11 16.30 -4.64 10.65
CA ARG A 11 17.16 -3.56 11.17
C ARG A 11 18.23 -3.19 10.13
N ILE A 12 18.79 -4.22 9.50
CA ILE A 12 19.77 -4.09 8.42
C ILE A 12 19.10 -3.30 7.30
N ALA A 13 17.93 -3.73 6.87
CA ALA A 13 17.25 -2.98 5.80
C ALA A 13 17.03 -1.49 6.22
N GLN A 14 16.56 -1.24 7.45
CA GLN A 14 16.14 0.11 7.83
C GLN A 14 17.36 1.08 7.85
N GLY A 15 18.47 0.63 8.39
CA GLY A 15 19.69 1.42 8.37
C GLY A 15 20.31 1.65 6.98
N LEU A 16 19.72 1.06 5.94
CA LEU A 16 20.20 1.23 4.56
C LEU A 16 19.16 1.96 3.71
N LEU A 17 18.11 2.47 4.36
CA LEU A 17 17.06 3.17 3.61
C LEU A 17 17.56 4.57 3.17
N ASN A 18 17.13 5.00 2.00
CA ASN A 18 17.39 6.37 1.55
C ASN A 18 16.40 7.29 2.26
N ASP A 19 16.58 8.60 2.12
CA ASP A 19 15.78 9.59 2.87
C ASP A 19 14.26 9.46 2.63
N GLU A 20 13.88 9.20 1.39
CA GLU A 20 12.47 9.09 1.02
C GLU A 20 11.86 7.80 1.60
N ALA A 21 12.62 6.72 1.52
CA ALA A 21 12.20 5.44 2.10
C ALA A 21 12.16 5.55 3.63
N ALA A 22 13.22 6.09 4.22
CA ALA A 22 13.28 6.27 5.67
C ALA A 22 12.03 7.00 6.17
N HIS A 23 11.72 8.10 5.50
CA HIS A 23 10.57 8.90 5.89
C HIS A 23 9.27 8.16 5.77
N ALA A 24 9.01 7.56 4.61
CA ALA A 24 7.77 6.79 4.39
C ALA A 24 7.58 5.74 5.50
N VAL A 25 8.65 5.01 5.79
CA VAL A 25 8.57 3.96 6.82
C VAL A 25 8.22 4.54 8.17
N LYS A 26 8.89 5.65 8.50
CA LYS A 26 8.59 6.33 9.76
C LYS A 26 7.15 6.77 9.82
N MET A 27 6.60 7.28 8.72
CA MET A 27 5.20 7.70 8.75
C MET A 27 4.26 6.49 8.81
N LEU A 28 4.64 5.37 8.18
CA LEU A 28 3.76 4.19 8.16
C LEU A 28 3.71 3.40 9.47
N LEU A 29 4.67 3.60 10.39
CA LEU A 29 4.71 2.83 11.65
C LEU A 29 3.89 3.41 12.83
N PRO A 30 3.32 2.54 13.68
CA PRO A 30 2.72 3.08 14.89
C PRO A 30 3.73 3.74 15.82
N GLU A 31 3.26 4.75 16.54
CA GLU A 31 4.09 5.54 17.48
C GLU A 31 4.77 4.68 18.54
N TYR A 32 4.12 3.57 18.94
CA TYR A 32 4.64 2.72 20.01
C TYR A 32 5.95 1.97 19.70
N VAL A 33 6.35 1.85 18.42
CA VAL A 33 7.62 1.18 18.10
C VAL A 33 8.77 2.16 17.98
N ASN A 34 8.44 3.43 18.20
CA ASN A 34 9.44 4.49 18.14
C ASN A 34 10.33 4.43 16.89
N GLY A 35 9.73 4.24 15.71
CA GLY A 35 10.49 4.30 14.45
C GLY A 35 11.20 3.00 14.08
N ASP A 36 11.05 1.97 14.91
CA ASP A 36 11.81 0.74 14.70
C ASP A 36 10.98 -0.26 13.89
N LEU A 37 11.28 -0.37 12.58
CA LEU A 37 10.60 -1.37 11.72
C LEU A 37 10.71 -2.76 12.32
N SER A 38 11.89 -3.08 12.86
CA SER A 38 12.15 -4.47 13.35
C SER A 38 11.25 -4.85 14.53
N ALA A 39 10.82 -3.88 15.32
CA ALA A 39 9.82 -4.15 16.40
C ALA A 39 8.52 -4.79 15.91
N LEU A 40 8.22 -4.69 14.61
CA LEU A 40 6.96 -5.23 14.06
C LEU A 40 7.12 -6.28 12.95
N CYS A 41 8.33 -6.66 12.57
CA CYS A 41 8.53 -7.53 11.39
C CYS A 41 8.11 -8.99 11.56
N VAL A 42 7.82 -9.40 12.78
CA VAL A 42 7.34 -10.75 13.03
C VAL A 42 5.80 -10.78 13.08
N TRP A 43 5.17 -9.60 12.99
CA TRP A 43 3.72 -9.43 13.09
C TRP A 43 2.94 -10.33 12.16
N PRO A 44 3.40 -10.50 10.91
CA PRO A 44 2.62 -11.44 10.08
C PRO A 44 2.56 -12.90 10.57
N ASP A 45 3.55 -13.35 11.35
CA ASP A 45 3.54 -14.73 11.87
C ASP A 45 2.47 -14.93 12.95
N GLN A 46 2.10 -13.84 13.63
CA GLN A 46 1.06 -13.82 14.67
C GLN A 46 -0.32 -13.76 14.00
N VAL A 47 -0.49 -12.82 13.07
CA VAL A 47 -1.79 -12.53 12.47
C VAL A 47 -2.25 -13.52 11.38
N ARG A 48 -1.34 -14.36 10.88
CA ARG A 48 -1.74 -15.35 9.85
C ARG A 48 -2.83 -16.35 10.37
N HIS A 49 -2.94 -16.48 11.70
CA HIS A 49 -4.00 -17.27 12.38
C HIS A 49 -5.32 -16.59 12.50
N TRP A 50 -5.31 -15.26 12.48
CA TRP A 50 -6.54 -14.48 12.50
C TRP A 50 -7.36 -14.72 11.27
N TYR A 51 -8.65 -14.99 11.46
CA TYR A 51 -9.59 -15.20 10.35
C TYR A 51 -9.38 -14.14 9.30
N LYS A 52 -9.41 -12.88 9.74
CA LYS A 52 -9.28 -11.74 8.84
C LYS A 52 -8.11 -11.88 7.87
N TYR A 53 -7.01 -12.47 8.33
CA TYR A 53 -5.80 -12.60 7.50
C TYR A 53 -5.45 -14.04 7.18
N LYS A 54 -6.37 -14.98 7.31
CA LYS A 54 -6.04 -16.38 7.01
C LYS A 54 -5.52 -16.56 5.57
N TRP A 55 -5.96 -15.68 4.66
CA TRP A 55 -5.38 -15.64 3.30
C TRP A 55 -3.86 -15.37 3.23
N THR A 56 -3.23 -14.90 4.32
CA THR A 56 -1.80 -14.65 4.35
C THR A 56 -0.97 -15.91 4.65
N SER A 57 -1.63 -16.99 5.05
CA SER A 57 -0.93 -18.21 5.49
C SER A 57 -0.03 -18.93 4.50
N PRO A 58 -0.45 -19.01 3.22
CA PRO A 58 0.44 -19.65 2.23
C PRO A 58 1.53 -18.71 1.67
N LEU A 59 1.43 -17.43 2.01
CA LEU A 59 2.38 -16.41 1.54
C LEU A 59 3.77 -16.44 2.23
N HIS A 60 3.95 -17.37 3.17
CA HIS A 60 5.18 -17.44 3.98
C HIS A 60 6.22 -18.34 3.36
N PHE A 61 5.83 -19.13 2.37
CA PHE A 61 6.69 -20.19 1.88
C PHE A 61 6.38 -20.56 0.45
N ILE A 62 7.24 -21.43 -0.09
CA ILE A 62 7.02 -22.03 -1.39
C ILE A 62 7.17 -23.54 -1.23
N ASP A 63 6.20 -24.30 -1.74
CA ASP A 63 6.29 -25.77 -1.81
C ASP A 63 6.78 -26.17 -3.20
N THR A 64 7.96 -26.77 -3.26
CA THR A 64 8.49 -27.26 -4.51
C THR A 64 8.42 -28.78 -4.44
N PRO A 65 8.35 -29.45 -5.61
CA PRO A 65 8.15 -30.91 -5.51
C PRO A 65 9.36 -31.61 -4.95
N ASP A 66 9.12 -32.74 -4.29
CA ASP A 66 10.17 -33.45 -3.60
C ASP A 66 11.30 -33.84 -4.54
N LYS A 67 12.53 -33.54 -4.13
CA LYS A 67 13.74 -33.90 -4.86
C LYS A 67 14.00 -33.10 -6.17
N ALA A 68 13.00 -32.36 -6.65
CA ALA A 68 13.18 -31.57 -7.89
C ALA A 68 14.38 -30.61 -7.77
N CYS A 69 14.51 -29.91 -6.64
CA CYS A 69 15.68 -29.04 -6.35
C CYS A 69 15.81 -27.82 -7.27
N ASN A 70 14.67 -27.33 -7.74
CA ASN A 70 14.60 -26.07 -8.46
C ASN A 70 13.26 -25.41 -8.09
N PHE A 71 13.05 -24.18 -8.55
CA PHE A 71 11.79 -23.44 -8.35
C PHE A 71 11.22 -22.99 -9.69
N ASP A 72 9.94 -23.28 -9.93
CA ASP A 72 9.25 -22.75 -11.13
C ASP A 72 7.94 -22.03 -10.75
N TYR A 73 7.89 -20.73 -11.02
CA TYR A 73 6.75 -19.88 -10.62
C TYR A 73 5.38 -20.45 -10.98
N GLU A 74 5.17 -20.75 -12.26
CA GLU A 74 3.88 -21.27 -12.75
C GLU A 74 3.54 -22.59 -12.05
N ARG A 75 4.51 -23.49 -11.96
CA ARG A 75 4.34 -24.80 -11.32
C ARG A 75 4.07 -24.72 -9.80
N ASP A 76 4.78 -23.81 -9.13
CA ASP A 76 4.81 -23.84 -7.66
C ASP A 76 4.05 -22.74 -6.95
N CYS A 77 4.02 -21.53 -7.53
CA CYS A 77 3.46 -20.41 -6.81
C CYS A 77 1.95 -20.41 -6.82
N HIS A 78 1.40 -21.29 -5.98
CA HIS A 78 -0.04 -21.33 -5.68
C HIS A 78 -0.23 -21.99 -4.35
N ASP A 79 -1.36 -21.72 -3.69
CA ASP A 79 -1.69 -22.45 -2.44
C ASP A 79 -2.13 -23.88 -2.78
N GLN A 80 -2.71 -24.59 -1.81
CA GLN A 80 -3.10 -25.99 -2.01
C GLN A 80 -4.19 -26.15 -3.10
N HIS A 81 -5.14 -25.23 -3.12
CA HIS A 81 -6.28 -25.27 -4.06
C HIS A 81 -6.01 -24.64 -5.42
N GLY A 82 -4.74 -24.46 -5.78
CA GLY A 82 -4.37 -23.99 -7.12
C GLY A 82 -4.62 -22.50 -7.41
N VAL A 83 -4.82 -21.71 -6.37
CA VAL A 83 -5.02 -20.26 -6.53
C VAL A 83 -3.64 -19.58 -6.83
N LYS A 84 -3.63 -18.72 -7.83
CA LYS A 84 -2.38 -18.25 -8.42
C LYS A 84 -1.72 -17.20 -7.53
N ASP A 85 -0.40 -17.22 -7.49
CA ASP A 85 0.38 -16.20 -6.80
C ASP A 85 0.43 -16.35 -5.26
N MET A 86 -0.20 -17.39 -4.70
CA MET A 86 -0.32 -17.51 -3.24
C MET A 86 0.85 -18.27 -2.66
N CYS A 87 2.02 -17.62 -2.71
CA CYS A 87 3.31 -18.17 -2.20
C CYS A 87 4.15 -16.94 -1.87
N VAL A 88 5.33 -17.11 -1.27
CA VAL A 88 6.08 -15.94 -0.79
C VAL A 88 6.61 -15.07 -1.95
N ALA A 89 6.91 -15.70 -3.07
CA ALA A 89 7.25 -14.95 -4.31
C ALA A 89 6.07 -14.06 -4.78
N GLY A 90 4.86 -14.61 -4.86
CA GLY A 90 3.71 -13.77 -5.24
C GLY A 90 3.40 -12.64 -4.26
N ALA A 91 3.52 -12.97 -2.97
CA ALA A 91 3.29 -12.01 -1.89
C ALA A 91 4.18 -10.76 -2.07
N ILE A 92 5.46 -11.00 -2.35
CA ILE A 92 6.42 -9.92 -2.53
C ILE A 92 6.09 -9.03 -3.72
N GLN A 93 5.62 -9.61 -4.82
CA GLN A 93 5.22 -8.77 -5.97
C GLN A 93 4.02 -7.93 -5.57
N ASN A 94 3.04 -8.60 -4.99
CA ASN A 94 1.82 -7.94 -4.57
C ASN A 94 2.08 -6.70 -3.74
N PHE A 95 2.72 -6.90 -2.60
CA PHE A 95 2.87 -5.81 -1.64
C PHE A 95 3.84 -4.76 -2.11
N THR A 96 4.75 -5.15 -3.00
CA THR A 96 5.66 -4.16 -3.61
C THR A 96 4.88 -3.23 -4.54
N THR A 97 3.99 -3.82 -5.32
CA THR A 97 3.10 -3.05 -6.18
C THR A 97 2.22 -2.09 -5.38
N GLN A 98 1.50 -2.62 -4.39
CA GLN A 98 0.72 -1.76 -3.46
C GLN A 98 1.47 -0.54 -2.92
N LEU A 99 2.72 -0.73 -2.54
CA LEU A 99 3.51 0.38 -2.04
C LEU A 99 3.88 1.42 -3.14
N SER A 100 3.94 0.97 -4.40
CA SER A 100 4.28 1.86 -5.52
C SER A 100 3.13 2.86 -5.75
N HIS A 101 1.91 2.44 -5.43
CA HIS A 101 0.73 3.32 -5.41
C HIS A 101 0.76 4.38 -4.35
N TYR A 102 1.28 4.07 -3.16
CA TYR A 102 1.33 5.04 -2.07
C TYR A 102 2.06 6.30 -2.52
N ARG A 103 3.19 6.10 -3.21
CA ARG A 103 4.09 7.21 -3.59
C ARG A 103 3.36 8.32 -4.38
N GLU A 104 2.52 7.91 -5.34
CA GLU A 104 1.70 8.85 -6.14
C GLU A 104 0.38 9.18 -5.43
N GLY A 105 -0.07 8.28 -4.57
CA GLY A 105 -1.37 8.41 -3.88
C GLY A 105 -2.41 7.53 -4.54
N THR A 106 -2.28 7.34 -5.85
CA THR A 106 -3.27 6.66 -6.70
C THR A 106 -3.65 5.21 -6.34
N SER A 107 -4.46 5.08 -5.29
CA SER A 107 -5.01 3.79 -4.86
C SER A 107 -6.30 4.08 -4.09
N ASP A 108 -6.95 3.05 -3.52
CA ASP A 108 -8.05 3.31 -2.60
C ASP A 108 -8.14 2.35 -1.41
N ARG A 109 -9.32 2.26 -0.81
CA ARG A 109 -9.53 1.58 0.46
C ARG A 109 -9.01 0.16 0.51
N ARG A 110 -8.97 -0.50 -0.65
CA ARG A 110 -8.53 -1.90 -0.70
C ARG A 110 -7.17 -2.20 -0.03
N TYR A 111 -6.29 -1.19 0.09
CA TYR A 111 -4.93 -1.40 0.58
C TYR A 111 -4.52 -0.54 1.78
N ASN A 112 -3.96 -1.21 2.77
CA ASN A 112 -3.47 -0.59 4.00
C ASN A 112 -1.96 -0.66 3.95
N MET A 113 -1.31 0.50 3.78
CA MET A 113 0.10 0.57 3.45
C MET A 113 1.01 0.18 4.60
N THR A 114 0.52 0.33 5.84
CA THR A 114 1.22 -0.18 7.01
C THR A 114 1.29 -1.70 6.92
N GLU A 115 0.18 -2.33 6.58
CA GLU A 115 0.22 -3.79 6.46
C GLU A 115 1.03 -4.21 5.24
N ALA A 116 0.98 -3.40 4.17
CA ALA A 116 1.75 -3.71 2.97
C ALA A 116 3.24 -3.75 3.34
N LEU A 117 3.68 -2.75 4.11
CA LEU A 117 5.10 -2.66 4.52
C LEU A 117 5.51 -3.86 5.42
N LEU A 118 4.73 -4.14 6.45
CA LEU A 118 5.09 -5.20 7.36
C LEU A 118 5.11 -6.56 6.62
N PHE A 119 4.09 -6.83 5.80
CA PHE A 119 4.10 -8.05 4.96
C PHE A 119 5.29 -8.15 4.04
N LEU A 120 5.60 -7.05 3.35
CA LEU A 120 6.69 -7.11 2.40
C LEU A 120 7.97 -7.39 3.18
N SER A 121 8.19 -6.64 4.26
CA SER A 121 9.35 -6.85 5.09
C SER A 121 9.52 -8.30 5.58
N HIS A 122 8.45 -8.83 6.15
CA HIS A 122 8.45 -10.20 6.65
C HIS A 122 8.77 -11.18 5.57
N PHE A 123 8.04 -11.07 4.45
CA PHE A 123 8.12 -12.04 3.38
C PHE A 123 9.44 -11.93 2.63
N MET A 124 10.11 -10.77 2.67
CA MET A 124 11.45 -10.73 2.10
C MET A 124 12.44 -11.54 2.94
N GLY A 125 12.20 -11.59 4.24
CA GLY A 125 12.99 -12.48 5.09
C GLY A 125 12.69 -13.95 4.81
N ASP A 126 11.41 -14.30 4.77
CA ASP A 126 11.04 -15.71 4.61
C ASP A 126 11.52 -16.36 3.34
N ILE A 127 11.46 -15.65 2.22
CA ILE A 127 11.93 -16.18 0.93
C ILE A 127 13.45 -16.43 0.94
N HIS A 128 14.16 -15.67 1.80
CA HIS A 128 15.62 -15.84 2.01
C HIS A 128 16.00 -17.00 2.94
N GLN A 129 15.02 -17.53 3.66
CA GLN A 129 15.22 -18.70 4.52
C GLN A 129 15.06 -19.94 3.62
N PRO A 130 16.17 -20.60 3.29
CA PRO A 130 16.12 -21.77 2.40
C PRO A 130 14.98 -22.73 2.68
N MET A 131 14.80 -23.12 3.94
CA MET A 131 13.77 -24.12 4.27
C MET A 131 12.34 -23.61 4.13
N HIS A 132 12.17 -22.32 3.79
CA HIS A 132 10.87 -21.78 3.41
C HIS A 132 10.56 -22.01 1.97
N VAL A 133 11.53 -22.55 1.24
CA VAL A 133 11.38 -22.89 -0.16
C VAL A 133 11.94 -24.29 -0.32
N GLY A 134 11.45 -25.21 0.51
CA GLY A 134 11.88 -26.61 0.51
C GLY A 134 10.82 -27.50 -0.09
N PHE A 135 10.82 -28.79 0.28
CA PHE A 135 9.97 -29.79 -0.36
C PHE A 135 8.53 -29.76 0.16
N THR A 136 7.58 -30.14 -0.70
CA THR A 136 6.17 -30.26 -0.32
C THR A 136 5.91 -31.29 0.80
N SER A 137 6.51 -32.49 0.68
CA SER A 137 6.17 -33.64 1.55
C SER A 137 6.57 -33.49 3.01
N ASP A 138 7.73 -32.90 3.25
CA ASP A 138 8.19 -32.65 4.62
C ASP A 138 7.87 -31.22 5.08
N ALA A 139 7.04 -30.53 4.32
CA ALA A 139 6.64 -29.11 4.58
C ALA A 139 7.84 -28.23 4.96
N GLY A 140 8.84 -28.20 4.09
CA GLY A 140 10.08 -27.46 4.32
C GLY A 140 10.89 -27.94 5.52
N GLY A 141 10.89 -29.25 5.77
CA GLY A 141 11.66 -29.83 6.88
C GLY A 141 10.97 -29.88 8.25
N ASN A 142 9.80 -29.26 8.40
CA ASN A 142 9.03 -29.35 9.65
C ASN A 142 8.77 -30.80 10.14
N SER A 143 8.54 -31.71 9.20
CA SER A 143 8.31 -33.13 9.49
C SER A 143 9.55 -33.90 9.87
N ILE A 144 10.72 -33.36 9.58
CA ILE A 144 11.97 -34.07 9.85
C ILE A 144 12.43 -33.81 11.27
N ASP A 145 11.97 -34.65 12.19
CA ASP A 145 12.37 -34.57 13.60
C ASP A 145 13.82 -34.93 13.70
N LEU A 146 14.51 -34.32 14.65
CA LEU A 146 15.91 -34.55 14.86
C LEU A 146 16.34 -33.95 16.16
N ARG A 147 17.60 -34.14 16.50
CA ARG A 147 18.19 -33.50 17.68
C ARG A 147 19.24 -32.44 17.24
N TRP A 148 19.06 -31.24 17.78
CA TRP A 148 20.02 -30.17 17.62
C TRP A 148 20.87 -30.13 18.85
N PHE A 149 22.10 -30.61 18.72
CA PHE A 149 22.96 -30.76 19.88
C PHE A 149 22.27 -31.67 20.91
N ARG A 150 21.76 -31.13 22.01
CA ARG A 150 21.19 -31.96 23.08
C ARG A 150 19.66 -32.01 23.11
N HIS A 151 18.99 -31.15 22.35
CA HIS A 151 17.53 -31.11 22.40
C HIS A 151 16.81 -31.39 21.10
N LYS A 152 15.56 -31.81 21.25
CA LYS A 152 14.70 -32.19 20.13
C LYS A 152 14.33 -30.96 19.32
N SER A 153 14.29 -31.15 17.99
CA SER A 153 14.00 -30.06 17.08
C SER A 153 13.55 -30.69 15.78
N ASN A 154 13.36 -29.84 14.77
CA ASN A 154 13.18 -30.31 13.42
C ASN A 154 14.05 -29.47 12.44
N LEU A 155 14.24 -30.00 11.24
CA LEU A 155 15.12 -29.35 10.27
C LEU A 155 14.65 -27.93 9.91
N HIS A 156 13.33 -27.72 9.75
CA HIS A 156 12.82 -26.37 9.51
C HIS A 156 13.26 -25.38 10.57
N HIS A 157 13.13 -25.78 11.84
CA HIS A 157 13.44 -24.89 12.98
C HIS A 157 14.91 -24.72 13.20
N VAL A 158 15.71 -25.72 12.80
CA VAL A 158 17.17 -25.53 12.80
C VAL A 158 17.54 -24.28 11.95
N TRP A 159 16.85 -24.10 10.82
CA TRP A 159 17.09 -22.97 9.94
C TRP A 159 16.38 -21.70 10.35
N ASP A 160 15.13 -21.81 10.82
CA ASP A 160 14.38 -20.66 11.33
C ASP A 160 15.02 -20.04 12.59
N ARG A 161 15.71 -20.84 13.41
CA ARG A 161 16.13 -20.36 14.75
C ARG A 161 17.36 -20.98 15.46
N GLU A 162 17.56 -22.30 15.34
CA GLU A 162 18.55 -22.98 16.21
C GLU A 162 19.92 -22.53 15.86
N ILE A 163 20.21 -22.50 14.56
CA ILE A 163 21.53 -22.04 14.13
C ILE A 163 21.75 -20.61 14.67
N ILE A 164 20.73 -19.74 14.54
CA ILE A 164 20.91 -18.38 15.03
C ILE A 164 21.15 -18.34 16.55
N LEU A 165 20.42 -19.17 17.31
CA LEU A 165 20.53 -19.13 18.79
C LEU A 165 21.88 -19.66 19.29
N THR A 166 22.33 -20.76 18.70
CA THR A 166 23.63 -21.32 19.03
C THR A 166 24.75 -20.30 18.76
N ALA A 167 24.72 -19.66 17.60
CA ALA A 167 25.70 -18.60 17.32
C ALA A 167 25.60 -17.46 18.33
N ALA A 168 24.39 -17.01 18.63
CA ALA A 168 24.25 -15.93 19.59
C ALA A 168 24.87 -16.31 20.95
N LYS A 169 24.54 -17.52 21.40
CA LYS A 169 25.03 -18.05 22.67
C LYS A 169 26.55 -18.23 22.63
N ASP A 170 27.06 -18.99 21.64
CA ASP A 170 28.51 -19.29 21.63
C ASP A 170 29.48 -18.10 21.46
N TYR A 171 29.10 -17.05 20.73
CA TYR A 171 30.06 -16.01 20.37
C TYR A 171 29.65 -14.59 20.70
N TYR A 172 28.35 -14.35 20.88
CA TYR A 172 27.83 -12.98 21.05
C TYR A 172 27.04 -12.75 22.34
N ALA A 173 27.26 -13.57 23.36
CA ALA A 173 26.62 -13.39 24.67
C ALA A 173 25.08 -13.37 24.63
N LYS A 174 24.49 -14.14 23.71
CA LYS A 174 23.03 -14.22 23.53
C LYS A 174 22.41 -12.91 23.01
N ASP A 175 23.27 -11.98 22.63
CA ASP A 175 22.86 -10.64 22.21
C ASP A 175 22.80 -10.59 20.67
N ILE A 176 21.57 -10.66 20.15
CA ILE A 176 21.27 -10.61 18.70
C ILE A 176 21.80 -9.33 18.01
N ASN A 177 21.93 -8.24 18.75
CA ASN A 177 22.42 -6.99 18.19
C ASN A 177 23.87 -7.14 17.75
N LEU A 178 24.64 -7.88 18.56
CA LEU A 178 26.04 -8.06 18.32
C LEU A 178 26.26 -9.03 17.14
N LEU A 179 25.48 -10.11 17.09
CA LEU A 179 25.44 -10.99 15.91
C LEU A 179 25.05 -10.16 14.68
N GLU A 180 24.03 -9.33 14.83
CA GLU A 180 23.67 -8.46 13.72
C GLU A 180 24.83 -7.54 13.28
N GLU A 181 25.57 -6.95 14.22
CA GLU A 181 26.69 -6.04 13.86
C GLU A 181 27.84 -6.74 13.13
N ASP A 182 28.10 -8.00 13.52
CA ASP A 182 29.03 -8.86 12.80
C ASP A 182 28.59 -9.05 11.35
N ILE A 183 27.30 -9.31 11.12
CA ILE A 183 26.73 -9.46 9.78
C ILE A 183 26.88 -8.12 9.03
N GLU A 184 26.62 -7.00 9.67
CA GLU A 184 26.85 -5.68 9.06
C GLU A 184 28.29 -5.52 8.60
N GLY A 185 29.23 -5.77 9.52
CA GLY A 185 30.65 -5.71 9.21
C GLY A 185 31.01 -6.58 8.02
N ASP A 186 30.51 -7.81 7.99
CA ASP A 186 30.88 -8.73 6.90
C ASP A 186 30.49 -8.20 5.53
N PHE A 187 29.50 -7.30 5.46
CA PHE A 187 29.14 -6.68 4.17
C PHE A 187 29.55 -5.21 4.02
N THR A 188 30.09 -4.62 5.07
CA THR A 188 30.59 -3.24 5.03
C THR A 188 32.11 -3.23 4.75
N ASP A 189 32.85 -4.05 5.50
CA ASP A 189 34.31 -4.13 5.42
C ASP A 189 34.82 -5.55 5.13
N GLY A 190 33.95 -6.54 5.10
CA GLY A 190 34.38 -7.94 5.15
C GLY A 190 34.15 -8.75 3.89
N ILE A 191 34.06 -10.05 4.11
CA ILE A 191 33.94 -11.07 3.05
C ILE A 191 32.91 -10.77 1.96
N TRP A 192 31.80 -10.09 2.28
CA TRP A 192 30.77 -9.81 1.27
C TRP A 192 30.75 -8.37 0.79
N SER A 193 31.70 -7.54 1.23
CA SER A 193 31.71 -6.09 0.90
C SER A 193 31.73 -5.78 -0.59
N ASP A 194 32.37 -6.65 -1.37
CA ASP A 194 32.39 -6.50 -2.83
C ASP A 194 31.23 -7.19 -3.56
N ASP A 195 30.21 -7.70 -2.87
CA ASP A 195 29.11 -8.40 -3.58
C ASP A 195 27.77 -7.63 -3.61
N LEU A 196 27.70 -6.50 -2.89
CA LEU A 196 26.42 -5.79 -2.72
C LEU A 196 25.70 -5.39 -4.02
N ALA A 197 26.45 -4.90 -4.99
CA ALA A 197 25.86 -4.57 -6.30
C ALA A 197 25.23 -5.82 -6.95
N SER A 198 25.95 -6.94 -6.93
CA SER A 198 25.41 -8.17 -7.48
C SER A 198 24.12 -8.62 -6.71
N TRP A 199 24.12 -8.46 -5.37
CA TRP A 199 22.91 -8.77 -4.56
C TRP A 199 21.76 -7.84 -4.92
N ARG A 200 22.07 -6.57 -5.19
CA ARG A 200 21.05 -5.56 -5.52
C ARG A 200 20.47 -5.61 -6.95
N GLU A 201 21.18 -6.24 -7.88
CA GLU A 201 20.82 -6.19 -9.30
C GLU A 201 20.28 -7.54 -9.73
N CYS A 202 18.96 -7.63 -9.75
CA CYS A 202 18.25 -8.89 -9.99
C CYS A 202 17.13 -8.72 -11.02
N GLY A 203 17.16 -7.61 -11.76
CA GLY A 203 16.14 -7.27 -12.76
C GLY A 203 14.88 -6.69 -12.14
N ASN A 204 13.74 -6.91 -12.79
CA ASN A 204 12.47 -6.42 -12.27
C ASN A 204 11.98 -7.28 -11.06
N VAL A 205 10.93 -6.84 -10.36
CA VAL A 205 10.49 -7.58 -9.17
C VAL A 205 10.27 -9.07 -9.43
N PHE A 206 9.59 -9.39 -10.52
CA PHE A 206 9.27 -10.77 -10.84
C PHE A 206 10.56 -11.57 -10.92
N SER A 207 11.57 -10.96 -11.52
CA SER A 207 12.87 -11.58 -11.73
C SER A 207 13.64 -11.74 -10.41
N CYS A 208 13.61 -10.71 -9.58
CA CYS A 208 14.20 -10.77 -8.25
C CYS A 208 13.65 -11.94 -7.41
N VAL A 209 12.33 -12.10 -7.35
CA VAL A 209 11.73 -13.13 -6.47
C VAL A 209 12.01 -14.57 -6.93
N ASN A 210 12.05 -14.79 -8.26
CA ASN A 210 12.54 -16.06 -8.84
C ASN A 210 13.98 -16.37 -8.47
N LYS A 211 14.81 -15.34 -8.47
CA LYS A 211 16.22 -15.48 -8.13
C LYS A 211 16.36 -15.79 -6.62
N PHE A 212 15.59 -15.08 -5.79
CA PHE A 212 15.64 -15.32 -4.33
C PHE A 212 15.13 -16.75 -3.98
N ALA A 213 14.00 -17.14 -4.54
CA ALA A 213 13.49 -18.53 -4.42
C ALA A 213 14.52 -19.58 -4.85
N THR A 214 15.15 -19.33 -5.99
CA THR A 214 16.03 -20.33 -6.64
C THR A 214 17.21 -20.57 -5.74
N GLU A 215 17.87 -19.48 -5.37
CA GLU A 215 18.92 -19.49 -4.36
C GLU A 215 18.48 -20.33 -3.16
N SER A 216 17.25 -20.09 -2.71
CA SER A 216 16.76 -20.74 -1.48
C SER A 216 16.60 -22.25 -1.61
N ILE A 217 15.90 -22.70 -2.66
CA ILE A 217 15.74 -24.15 -2.90
C ILE A 217 17.08 -24.80 -3.16
N ASN A 218 17.97 -24.10 -3.88
CA ASN A 218 19.30 -24.60 -4.19
C ASN A 218 20.09 -24.89 -2.93
N ILE A 219 20.01 -23.97 -1.97
CA ILE A 219 20.67 -24.12 -0.68
C ILE A 219 19.98 -25.21 0.17
N ALA A 220 18.66 -25.26 0.14
CA ALA A 220 17.94 -26.31 0.82
C ALA A 220 18.51 -27.73 0.42
N CYS A 221 18.71 -27.97 -0.87
CA CYS A 221 19.19 -29.29 -1.32
C CYS A 221 20.66 -29.51 -1.00
N LYS A 222 21.49 -28.49 -1.21
CA LYS A 222 22.93 -28.60 -0.98
C LYS A 222 23.31 -28.58 0.49
N TRP A 223 22.64 -27.74 1.28
CA TRP A 223 23.03 -27.50 2.69
C TRP A 223 21.98 -27.84 3.73
N GLY A 224 20.70 -27.68 3.41
CA GLY A 224 19.62 -27.95 4.37
C GLY A 224 19.41 -29.45 4.57
N TYR A 225 18.69 -30.06 3.62
CA TYR A 225 18.38 -31.49 3.64
C TYR A 225 19.61 -32.36 3.61
N LYS A 226 20.63 -31.94 2.86
CA LYS A 226 21.81 -32.77 2.68
C LYS A 226 22.43 -33.11 4.01
N GLY A 227 22.74 -34.40 4.17
CA GLY A 227 23.45 -34.91 5.35
C GLY A 227 22.59 -35.08 6.59
N VAL A 228 21.26 -35.04 6.41
CA VAL A 228 20.32 -35.04 7.52
C VAL A 228 19.29 -36.16 7.37
N GLU A 229 19.21 -37.03 8.37
CA GLU A 229 18.23 -38.13 8.40
C GLU A 229 17.36 -37.98 9.62
N ALA A 230 16.07 -38.28 9.46
CA ALA A 230 15.10 -38.23 10.56
C ALA A 230 15.62 -38.98 11.80
N GLY A 231 15.55 -38.32 12.96
CA GLY A 231 15.90 -38.93 14.23
C GLY A 231 17.37 -38.84 14.61
N GLU A 232 18.21 -38.34 13.71
CA GLU A 232 19.64 -38.27 13.99
C GLU A 232 20.00 -36.95 14.68
N THR A 233 21.25 -36.84 15.11
CA THR A 233 21.72 -35.66 15.86
C THR A 233 22.65 -34.82 15.00
N LEU A 234 22.41 -33.51 15.06
CA LEU A 234 23.17 -32.54 14.30
C LEU A 234 23.92 -31.71 15.35
N SER A 235 25.22 -31.55 15.19
CA SER A 235 25.99 -30.76 16.14
C SER A 235 27.08 -29.90 15.45
N ASP A 236 28.35 -30.07 15.81
CA ASP A 236 29.40 -29.09 15.51
C ASP A 236 29.61 -28.84 14.01
N ASP A 237 29.76 -29.92 13.26
CA ASP A 237 30.11 -29.84 11.87
C ASP A 237 29.01 -29.16 11.08
N TYR A 238 27.77 -29.55 11.35
CA TYR A 238 26.63 -29.00 10.62
C TYR A 238 26.46 -27.52 10.98
N PHE A 239 26.58 -27.19 12.25
CA PHE A 239 26.53 -25.82 12.68
C PHE A 239 27.63 -24.98 11.99
N ASN A 240 28.85 -25.50 12.00
CA ASN A 240 30.03 -24.76 11.55
C ASN A 240 29.94 -24.46 10.06
N SER A 241 29.50 -25.45 9.29
CA SER A 241 29.39 -25.30 7.84
C SER A 241 28.18 -24.48 7.41
N ARG A 242 27.09 -24.47 8.20
CA ARG A 242 25.86 -23.80 7.80
C ARG A 242 25.66 -22.38 8.36
N LEU A 243 26.34 -22.03 9.45
CA LEU A 243 26.15 -20.73 10.06
C LEU A 243 26.42 -19.61 9.03
N PRO A 244 27.50 -19.75 8.22
CA PRO A 244 27.84 -18.70 7.23
C PRO A 244 26.77 -18.49 6.19
N ILE A 245 26.06 -19.57 5.87
CA ILE A 245 24.99 -19.53 4.89
C ILE A 245 23.78 -18.82 5.50
N VAL A 246 23.48 -19.13 6.78
CA VAL A 246 22.40 -18.45 7.52
C VAL A 246 22.71 -16.95 7.59
N MET A 247 23.90 -16.61 8.05
CA MET A 247 24.32 -15.21 8.18
C MET A 247 24.20 -14.48 6.85
N LYS A 248 24.61 -15.13 5.79
CA LYS A 248 24.60 -14.52 4.47
C LYS A 248 23.16 -14.24 4.04
N ARG A 249 22.29 -15.22 4.24
CA ARG A 249 20.90 -15.06 3.85
C ARG A 249 20.21 -14.01 4.67
N VAL A 250 20.65 -13.79 5.90
CA VAL A 250 20.11 -12.68 6.71
C VAL A 250 20.53 -11.34 6.11
N ALA A 251 21.80 -11.25 5.73
CA ALA A 251 22.34 -10.06 5.07
C ALA A 251 21.63 -9.76 3.74
N GLN A 252 21.55 -10.78 2.92
CA GLN A 252 20.98 -10.59 1.60
C GLN A 252 19.52 -10.11 1.66
N GLY A 253 18.72 -10.71 2.55
CA GLY A 253 17.34 -10.27 2.73
C GLY A 253 17.25 -8.82 3.17
N GLY A 254 18.16 -8.39 4.05
CA GLY A 254 18.15 -7.01 4.54
C GLY A 254 18.49 -6.03 3.42
N ILE A 255 19.59 -6.33 2.72
CA ILE A 255 20.04 -5.49 1.62
C ILE A 255 18.97 -5.45 0.56
N ARG A 256 18.43 -6.61 0.17
CA ARG A 256 17.44 -6.61 -0.92
C ARG A 256 16.12 -5.94 -0.50
N LEU A 257 15.77 -6.00 0.77
CA LEU A 257 14.54 -5.35 1.21
C LEU A 257 14.78 -3.82 1.15
N ALA A 258 15.92 -3.37 1.66
CA ALA A 258 16.32 -1.95 1.53
C ALA A 258 16.24 -1.51 0.08
N MET A 259 16.63 -2.39 -0.82
CA MET A 259 16.66 -2.09 -2.23
C MET A 259 15.27 -1.86 -2.79
N LEU A 260 14.32 -2.76 -2.50
CA LEU A 260 12.95 -2.60 -2.94
C LEU A 260 12.32 -1.33 -2.36
N LEU A 261 12.46 -1.14 -1.05
CA LEU A 261 11.84 0.02 -0.42
C LEU A 261 12.40 1.33 -1.02
N ASN A 262 13.72 1.38 -1.20
CA ASN A 262 14.34 2.52 -1.88
C ASN A 262 13.87 2.79 -3.31
N ASN A 263 13.60 1.73 -4.07
CA ASN A 263 13.02 1.87 -5.41
C ASN A 263 11.52 2.25 -5.41
N VAL A 264 10.76 1.74 -4.44
CA VAL A 264 9.30 1.93 -4.42
C VAL A 264 8.89 3.31 -3.88
N PHE A 265 9.67 3.87 -2.96
CA PHE A 265 9.37 5.19 -2.41
C PHE A 265 10.15 6.31 -3.08
N GLY A 266 11.47 6.12 -3.21
CA GLY A 266 12.35 7.12 -3.82
C GLY A 266 12.22 7.18 -5.33
N TRP B 1 -11.41 10.69 -6.20
CA TRP B 1 -10.58 10.71 -7.44
C TRP B 1 -9.17 10.19 -7.18
N SER B 2 -8.50 9.72 -8.22
CA SER B 2 -7.03 9.54 -8.16
C SER B 2 -6.41 10.90 -8.44
N LYS B 3 -5.10 10.94 -8.57
CA LYS B 3 -4.39 12.20 -8.69
C LYS B 3 -4.98 13.20 -9.70
N GLU B 4 -5.31 12.74 -10.93
CA GLU B 4 -5.58 13.71 -12.01
C GLU B 4 -6.91 14.39 -11.83
N GLY B 5 -7.85 13.71 -11.20
CA GLY B 5 -9.11 14.31 -10.90
C GLY B 5 -9.01 15.37 -9.82
N HIS B 6 -8.18 15.13 -8.80
CA HIS B 6 -7.93 16.15 -7.78
C HIS B 6 -7.21 17.34 -8.35
N VAL B 7 -6.16 17.12 -9.14
CA VAL B 7 -5.36 18.26 -9.70
C VAL B 7 -6.26 19.16 -10.57
N MET B 8 -7.16 18.54 -11.34
CA MET B 8 -8.10 19.26 -12.20
C MET B 8 -9.14 20.01 -11.37
N THR B 9 -9.83 19.31 -10.48
CA THR B 9 -10.71 19.95 -9.51
C THR B 9 -10.08 21.23 -8.87
N CYS B 10 -8.84 21.12 -8.38
CA CYS B 10 -8.19 22.20 -7.63
CA CYS B 10 -8.23 22.22 -7.64
C CYS B 10 -7.70 23.35 -8.53
N ARG B 11 -7.26 23.03 -9.76
CA ARG B 11 -6.84 24.09 -10.68
C ARG B 11 -8.04 24.92 -11.15
N ILE B 12 -9.18 24.27 -11.31
CA ILE B 12 -10.40 24.94 -11.78
C ILE B 12 -10.91 25.90 -10.69
N ALA B 13 -10.70 25.51 -9.43
CA ALA B 13 -11.04 26.33 -8.26
C ALA B 13 -10.12 27.56 -8.11
N GLN B 14 -8.83 27.36 -8.03
CA GLN B 14 -7.89 28.48 -7.85
C GLN B 14 -8.08 29.64 -8.86
N GLY B 15 -8.45 29.31 -10.10
CA GLY B 15 -8.75 30.29 -11.13
C GLY B 15 -10.10 30.96 -10.99
N LEU B 16 -11.01 30.37 -10.22
CA LEU B 16 -12.25 31.07 -9.83
C LEU B 16 -12.14 31.85 -8.49
N LEU B 17 -10.95 31.95 -7.91
CA LEU B 17 -10.83 32.57 -6.57
C LEU B 17 -10.80 34.10 -6.57
N ASN B 18 -11.72 34.69 -5.80
CA ASN B 18 -11.68 36.14 -5.46
C ASN B 18 -10.39 36.52 -4.76
N ASP B 19 -10.09 37.80 -4.65
CA ASP B 19 -8.73 38.27 -4.24
C ASP B 19 -8.36 37.88 -2.82
N GLU B 20 -9.39 37.79 -1.97
CA GLU B 20 -9.22 37.50 -0.56
C GLU B 20 -8.92 36.01 -0.40
N ALA B 21 -9.72 35.16 -1.05
CA ALA B 21 -9.50 33.69 -1.03
C ALA B 21 -8.17 33.30 -1.67
N ALA B 22 -7.77 34.01 -2.72
CA ALA B 22 -6.48 33.78 -3.40
C ALA B 22 -5.30 34.15 -2.51
N HIS B 23 -5.40 35.27 -1.81
CA HIS B 23 -4.30 35.71 -0.96
C HIS B 23 -4.17 34.78 0.22
N ALA B 24 -5.34 34.38 0.75
CA ALA B 24 -5.40 33.38 1.81
C ALA B 24 -4.63 32.13 1.38
N VAL B 25 -4.97 31.60 0.20
CA VAL B 25 -4.39 30.35 -0.29
C VAL B 25 -2.85 30.50 -0.50
N LYS B 26 -2.42 31.62 -1.07
CA LYS B 26 -0.98 31.93 -1.21
C LYS B 26 -0.22 31.94 0.16
N MET B 27 -0.86 32.48 1.20
CA MET B 27 -0.23 32.58 2.52
C MET B 27 -0.16 31.21 3.23
N LEU B 28 -1.18 30.38 3.04
CA LEU B 28 -1.23 29.04 3.65
C LEU B 28 -0.34 28.01 2.92
N LEU B 29 -0.01 28.24 1.64
CA LEU B 29 0.77 27.23 0.88
C LEU B 29 2.28 27.36 1.12
N PRO B 30 3.00 26.23 1.12
CA PRO B 30 4.45 26.27 1.27
C PRO B 30 5.20 26.86 0.08
N GLU B 31 6.34 27.51 0.35
CA GLU B 31 7.23 28.04 -0.71
C GLU B 31 7.32 27.12 -1.93
N TYR B 32 7.69 25.87 -1.70
CA TYR B 32 8.00 24.91 -2.78
C TYR B 32 6.95 24.62 -3.88
N VAL B 33 5.64 24.81 -3.61
CA VAL B 33 4.61 24.58 -4.64
C VAL B 33 4.41 25.80 -5.55
N ASN B 34 5.08 26.91 -5.21
CA ASN B 34 5.00 28.18 -5.94
C ASN B 34 3.56 28.62 -6.19
N GLY B 35 2.75 28.65 -5.13
CA GLY B 35 1.39 29.17 -5.22
C GLY B 35 0.35 28.23 -5.84
N ASP B 36 0.78 27.05 -6.28
CA ASP B 36 -0.09 26.08 -6.97
C ASP B 36 -0.78 25.11 -6.00
N LEU B 37 -2.03 25.39 -5.67
CA LEU B 37 -2.80 24.55 -4.76
C LEU B 37 -2.82 23.11 -5.27
N SER B 38 -3.11 22.94 -6.57
CA SER B 38 -3.28 21.61 -7.15
C SER B 38 -2.05 20.74 -6.93
N ALA B 39 -0.87 21.34 -6.84
CA ALA B 39 0.36 20.61 -6.49
C ALA B 39 0.29 19.86 -5.17
N LEU B 40 -0.75 20.08 -4.38
CA LEU B 40 -0.80 19.49 -3.05
C LEU B 40 -2.15 18.91 -2.66
N CYS B 41 -3.10 18.80 -3.58
CA CYS B 41 -4.41 18.36 -3.14
CA CYS B 41 -4.46 18.38 -3.30
C CYS B 41 -4.68 16.86 -3.29
N VAL B 42 -3.63 16.11 -3.61
CA VAL B 42 -3.69 14.65 -3.46
C VAL B 42 -3.05 14.31 -2.10
N TRP B 43 -2.51 15.32 -1.42
CA TRP B 43 -1.88 15.13 -0.12
C TRP B 43 -2.65 14.28 0.84
N PRO B 44 -3.96 14.55 1.01
CA PRO B 44 -4.76 13.68 1.88
C PRO B 44 -4.75 12.19 1.55
N ASP B 45 -4.43 11.83 0.31
CA ASP B 45 -4.45 10.41 -0.12
C ASP B 45 -3.15 9.74 0.32
N GLN B 46 -2.06 10.51 0.46
CA GLN B 46 -0.85 9.99 1.12
C GLN B 46 -1.06 9.86 2.62
N VAL B 47 -1.50 10.96 3.26
CA VAL B 47 -1.47 11.05 4.74
C VAL B 47 -2.49 10.14 5.42
N ARG B 48 -3.48 9.68 4.68
CA ARG B 48 -4.48 8.76 5.25
C ARG B 48 -3.89 7.41 5.68
N HIS B 49 -2.70 7.08 5.20
CA HIS B 49 -2.01 5.85 5.59
C HIS B 49 -1.05 6.06 6.73
N TRP B 50 -0.76 7.32 7.05
CA TRP B 50 0.13 7.66 8.18
C TRP B 50 -0.54 7.34 9.47
N TYR B 51 0.19 6.81 10.45
CA TYR B 51 -0.38 6.54 11.79
C TYR B 51 -1.02 7.81 12.42
N LYS B 52 -0.30 8.92 12.27
CA LYS B 52 -0.69 10.23 12.82
C LYS B 52 -2.08 10.71 12.33
N TYR B 53 -2.46 10.31 11.11
CA TYR B 53 -3.73 10.72 10.48
C TYR B 53 -4.66 9.56 10.13
N LYS B 54 -4.56 8.44 10.85
CA LYS B 54 -5.48 7.29 10.64
C LYS B 54 -6.92 7.73 10.55
N TRP B 55 -7.31 8.61 11.47
CA TRP B 55 -8.67 9.17 11.57
C TRP B 55 -9.19 9.85 10.31
N THR B 56 -8.32 10.23 9.39
CA THR B 56 -8.77 10.85 8.15
C THR B 56 -9.31 9.80 7.18
N SER B 57 -8.94 8.54 7.38
CA SER B 57 -9.34 7.45 6.47
C SER B 57 -10.81 7.47 6.02
N PRO B 58 -11.77 7.45 6.95
CA PRO B 58 -13.19 7.43 6.49
C PRO B 58 -13.75 8.77 5.95
N LEU B 59 -13.00 9.85 6.08
CA LEU B 59 -13.42 11.17 5.54
C LEU B 59 -13.35 11.28 4.00
N HIS B 60 -12.80 10.27 3.33
CA HIS B 60 -12.70 10.27 1.86
C HIS B 60 -14.01 9.89 1.20
N PHE B 61 -14.93 9.29 1.94
CA PHE B 61 -16.13 8.76 1.32
C PHE B 61 -17.39 8.75 2.24
N ILE B 62 -18.45 8.17 1.70
CA ILE B 62 -19.68 7.91 2.42
C ILE B 62 -20.12 6.55 1.95
N ASP B 63 -20.45 5.67 2.88
CA ASP B 63 -21.05 4.39 2.53
C ASP B 63 -22.55 4.53 2.77
N THR B 64 -23.30 4.31 1.69
CA THR B 64 -24.76 4.31 1.75
C THR B 64 -25.25 2.86 1.65
N PRO B 65 -26.48 2.59 2.14
CA PRO B 65 -26.98 1.20 2.23
C PRO B 65 -27.17 0.62 0.85
N ASP B 66 -26.79 -0.64 0.63
CA ASP B 66 -26.92 -1.27 -0.71
C ASP B 66 -28.32 -1.08 -1.24
N LYS B 67 -28.44 -0.58 -2.46
CA LYS B 67 -29.71 -0.47 -3.21
C LYS B 67 -30.60 0.70 -2.79
N ALA B 68 -30.56 1.09 -1.51
CA ALA B 68 -31.22 2.33 -1.05
C ALA B 68 -31.20 3.42 -2.14
N CYS B 69 -30.03 3.63 -2.73
CA CYS B 69 -29.85 4.60 -3.81
C CYS B 69 -30.23 6.01 -3.39
N ASN B 70 -29.95 6.35 -2.13
CA ASN B 70 -30.14 7.72 -1.62
C ASN B 70 -29.11 8.00 -0.53
N PHE B 71 -28.93 9.27 -0.20
CA PHE B 71 -28.04 9.67 0.90
C PHE B 71 -28.81 10.36 2.03
N ASP B 72 -28.46 10.02 3.27
CA ASP B 72 -29.06 10.65 4.47
C ASP B 72 -28.02 10.82 5.57
N TYR B 73 -27.78 12.07 6.00
CA TYR B 73 -26.59 12.38 6.78
C TYR B 73 -26.53 11.63 8.10
N GLU B 74 -27.63 11.61 8.84
CA GLU B 74 -27.70 10.88 10.11
C GLU B 74 -27.61 9.37 9.89
N ARG B 75 -28.12 8.87 8.76
CA ARG B 75 -28.10 7.41 8.52
C ARG B 75 -26.67 6.98 8.17
N ASP B 76 -26.00 7.81 7.39
CA ASP B 76 -24.83 7.39 6.66
C ASP B 76 -23.53 8.00 7.12
N CYS B 77 -23.55 9.25 7.57
CA CYS B 77 -22.29 9.94 7.86
C CYS B 77 -21.68 9.47 9.19
N HIS B 78 -21.05 8.29 9.14
CA HIS B 78 -20.22 7.78 10.23
C HIS B 78 -19.17 6.80 9.73
N ASP B 79 -18.17 6.50 10.56
CA ASP B 79 -17.21 5.46 10.23
C ASP B 79 -17.83 4.07 10.46
N GLN B 80 -17.02 3.03 10.32
CA GLN B 80 -17.49 1.66 10.51
C GLN B 80 -17.86 1.31 11.98
N HIS B 81 -17.48 2.18 12.92
CA HIS B 81 -17.78 1.97 14.36
C HIS B 81 -18.77 2.96 14.92
N GLY B 82 -19.54 3.61 14.05
CA GLY B 82 -20.59 4.52 14.46
C GLY B 82 -20.18 5.96 14.78
N VAL B 83 -18.90 6.28 14.85
CA VAL B 83 -18.51 7.65 15.22
C VAL B 83 -19.06 8.63 14.17
N LYS B 84 -19.92 9.53 14.64
CA LYS B 84 -20.70 10.39 13.78
C LYS B 84 -19.82 11.43 13.09
N ASP B 85 -20.34 11.97 11.99
CA ASP B 85 -19.65 12.98 11.18
C ASP B 85 -18.40 12.47 10.44
N MET B 86 -17.94 11.24 10.71
CA MET B 86 -16.70 10.72 10.11
C MET B 86 -17.02 10.17 8.71
N CYS B 87 -17.29 11.12 7.81
CA CYS B 87 -17.53 10.87 6.41
C CYS B 87 -17.20 12.14 5.69
N VAL B 88 -17.20 12.06 4.35
CA VAL B 88 -16.70 13.16 3.53
C VAL B 88 -17.58 14.39 3.70
N ALA B 89 -18.88 14.17 3.87
CA ALA B 89 -19.82 15.29 4.18
C ALA B 89 -19.47 15.99 5.49
N GLY B 90 -19.24 15.20 6.55
CA GLY B 90 -18.83 15.77 7.85
C GLY B 90 -17.52 16.58 7.74
N ALA B 91 -16.58 16.05 6.97
CA ALA B 91 -15.23 16.60 6.92
C ALA B 91 -15.19 17.96 6.25
N ILE B 92 -15.96 18.11 5.17
CA ILE B 92 -16.05 19.38 4.46
C ILE B 92 -16.62 20.46 5.40
N GLN B 93 -17.68 20.14 6.15
CA GLN B 93 -18.22 21.11 7.16
C GLN B 93 -17.15 21.45 8.20
N ASN B 94 -16.50 20.40 8.74
CA ASN B 94 -15.48 20.54 9.77
C ASN B 94 -14.43 21.56 9.33
N PHE B 95 -13.91 21.35 8.13
CA PHE B 95 -12.78 22.12 7.66
C PHE B 95 -13.19 23.48 7.11
N THR B 96 -14.46 23.62 6.74
CA THR B 96 -15.00 24.94 6.41
C THR B 96 -14.95 25.79 7.70
N THR B 97 -15.62 25.30 8.72
CA THR B 97 -15.59 25.95 10.03
C THR B 97 -14.16 26.34 10.47
N GLN B 98 -13.21 25.41 10.40
CA GLN B 98 -11.86 25.70 10.86
C GLN B 98 -11.29 26.91 10.12
N LEU B 99 -11.49 26.93 8.79
CA LEU B 99 -10.94 27.99 7.95
C LEU B 99 -11.63 29.34 8.20
N SER B 100 -12.86 29.31 8.72
CA SER B 100 -13.57 30.55 9.08
C SER B 100 -12.78 31.34 10.13
N HIS B 101 -11.96 30.64 10.92
CA HIS B 101 -11.15 31.27 11.96
C HIS B 101 -9.83 31.81 11.48
N TYR B 102 -9.50 31.61 10.21
CA TYR B 102 -8.17 32.01 9.72
C TYR B 102 -7.91 33.54 9.68
N ARG B 103 -8.89 34.32 9.23
CA ARG B 103 -8.75 35.79 9.11
C ARG B 103 -8.68 36.46 10.49
N GLU B 104 -9.67 36.13 11.34
CA GLU B 104 -9.75 36.59 12.75
C GLU B 104 -8.51 36.23 13.57
N GLY B 105 -7.95 35.04 13.34
CA GLY B 105 -6.86 34.48 14.16
C GLY B 105 -7.33 33.78 15.43
N THR B 106 -8.52 33.15 15.36
CA THR B 106 -9.27 32.67 16.55
C THR B 106 -9.44 31.14 16.66
N TYR B 111 -5.75 23.18 15.66
CA TYR B 111 -6.12 23.41 14.27
C TYR B 111 -4.93 23.92 13.49
N ASN B 112 -4.74 23.31 12.32
CA ASN B 112 -3.69 23.67 11.38
C ASN B 112 -4.35 24.01 10.05
N MET B 113 -4.13 25.25 9.60
CA MET B 113 -4.94 25.84 8.53
C MET B 113 -4.53 25.37 7.15
N THR B 114 -3.22 25.18 6.96
CA THR B 114 -2.70 24.55 5.78
C THR B 114 -3.40 23.22 5.60
N GLU B 115 -3.43 22.40 6.66
CA GLU B 115 -4.07 21.07 6.53
C GLU B 115 -5.56 21.21 6.23
N ALA B 116 -6.23 22.13 6.92
CA ALA B 116 -7.69 22.39 6.68
C ALA B 116 -8.03 22.71 5.21
N LEU B 117 -7.23 23.59 4.61
CA LEU B 117 -7.31 23.88 3.15
C LEU B 117 -7.11 22.62 2.27
N LEU B 118 -5.99 21.93 2.46
CA LEU B 118 -5.70 20.76 1.65
C LEU B 118 -6.80 19.69 1.82
N PHE B 119 -7.23 19.49 3.06
CA PHE B 119 -8.32 18.51 3.32
C PHE B 119 -9.63 18.95 2.67
N LEU B 120 -9.96 20.25 2.80
CA LEU B 120 -11.18 20.80 2.18
C LEU B 120 -11.16 20.64 0.68
N SER B 121 -10.09 21.10 0.05
CA SER B 121 -10.01 21.06 -1.40
C SER B 121 -10.09 19.62 -1.88
N HIS B 122 -9.32 18.75 -1.25
CA HIS B 122 -9.36 17.33 -1.59
C HIS B 122 -10.75 16.76 -1.46
N PHE B 123 -11.39 17.02 -0.34
CA PHE B 123 -12.67 16.32 -0.03
C PHE B 123 -13.88 16.87 -0.81
N MET B 124 -13.78 18.10 -1.27
CA MET B 124 -14.79 18.62 -2.18
C MET B 124 -14.73 17.91 -3.53
N GLY B 125 -13.52 17.55 -3.96
CA GLY B 125 -13.35 16.68 -5.10
C GLY B 125 -13.97 15.32 -4.87
N ASP B 126 -13.64 14.67 -3.76
CA ASP B 126 -14.07 13.28 -3.55
C ASP B 126 -15.55 13.12 -3.44
N ILE B 127 -16.23 14.11 -2.83
CA ILE B 127 -17.72 14.03 -2.71
C ILE B 127 -18.38 14.09 -4.13
N HIS B 128 -17.70 14.75 -5.06
CA HIS B 128 -18.18 14.80 -6.42
C HIS B 128 -17.94 13.54 -7.22
N GLN B 129 -16.97 12.71 -6.81
CA GLN B 129 -16.73 11.42 -7.47
C GLN B 129 -17.87 10.53 -7.07
N PRO B 130 -18.81 10.30 -7.98
CA PRO B 130 -19.92 9.40 -7.74
C PRO B 130 -19.63 8.17 -6.89
N MET B 131 -18.56 7.44 -7.18
CA MET B 131 -18.38 6.14 -6.49
C MET B 131 -17.80 6.29 -5.08
N HIS B 132 -17.42 7.52 -4.70
CA HIS B 132 -17.06 7.83 -3.31
C HIS B 132 -18.30 7.99 -2.44
N VAL B 133 -19.48 7.78 -3.04
CA VAL B 133 -20.75 7.90 -2.35
C VAL B 133 -21.62 6.76 -2.86
N GLY B 134 -21.07 5.55 -2.89
CA GLY B 134 -21.80 4.37 -3.38
C GLY B 134 -22.14 3.43 -2.25
N PHE B 135 -22.32 2.15 -2.59
CA PHE B 135 -22.84 1.20 -1.64
C PHE B 135 -21.78 0.83 -0.63
N THR B 136 -22.23 0.13 0.41
CA THR B 136 -21.39 -0.27 1.53
C THR B 136 -20.78 -1.66 1.32
N SER B 137 -21.50 -2.58 0.70
CA SER B 137 -21.04 -3.98 0.60
C SER B 137 -19.92 -4.24 -0.40
N ASP B 138 -19.89 -3.45 -1.48
CA ASP B 138 -18.77 -3.47 -2.44
C ASP B 138 -17.80 -2.25 -2.29
N ALA B 139 -17.89 -1.53 -1.17
CA ALA B 139 -17.00 -0.41 -0.88
C ALA B 139 -16.95 0.65 -2.01
N GLY B 140 -18.12 1.04 -2.51
CA GLY B 140 -18.21 2.04 -3.58
C GLY B 140 -17.61 1.47 -4.86
N GLY B 141 -17.88 0.18 -5.10
CA GLY B 141 -17.39 -0.49 -6.31
C GLY B 141 -15.98 -1.06 -6.26
N ASN B 142 -15.21 -0.65 -5.26
CA ASN B 142 -13.85 -1.16 -5.08
C ASN B 142 -13.70 -2.69 -5.23
N SER B 143 -14.66 -3.47 -4.75
CA SER B 143 -14.59 -4.95 -4.87
C SER B 143 -15.35 -5.56 -6.05
N ILE B 144 -15.91 -4.71 -6.92
CA ILE B 144 -16.42 -5.18 -8.20
C ILE B 144 -15.25 -5.23 -9.20
N ASP B 145 -14.65 -6.41 -9.30
CA ASP B 145 -13.47 -6.64 -10.15
C ASP B 145 -13.93 -6.80 -11.57
N LEU B 146 -13.21 -6.17 -12.50
CA LEU B 146 -13.62 -6.17 -13.90
C LEU B 146 -12.40 -5.87 -14.82
N ARG B 147 -12.66 -5.72 -16.11
CA ARG B 147 -11.65 -5.29 -17.05
C ARG B 147 -12.04 -3.97 -17.66
N TRP B 148 -11.06 -3.08 -17.75
CA TRP B 148 -11.23 -1.84 -18.41
C TRP B 148 -10.42 -1.91 -19.64
N PHE B 149 -11.10 -2.09 -20.78
CA PHE B 149 -10.48 -2.58 -22.00
C PHE B 149 -9.65 -3.82 -21.65
N ARG B 150 -8.41 -3.90 -22.11
CA ARG B 150 -7.46 -4.98 -21.76
C ARG B 150 -7.11 -5.13 -20.26
N HIS B 151 -7.19 -4.04 -19.50
CA HIS B 151 -6.62 -4.00 -18.14
C HIS B 151 -7.51 -4.54 -17.04
N LYS B 152 -6.91 -5.29 -16.12
CA LYS B 152 -7.61 -5.69 -14.88
C LYS B 152 -7.85 -4.42 -14.09
N SER B 153 -9.11 -4.16 -13.73
CA SER B 153 -9.43 -2.95 -12.97
C SER B 153 -10.52 -3.24 -11.95
N ASN B 154 -11.15 -2.20 -11.43
CA ASN B 154 -12.37 -2.34 -10.67
C ASN B 154 -13.24 -1.13 -10.93
N LEU B 155 -14.54 -1.27 -10.64
CA LEU B 155 -15.50 -0.21 -10.99
C LEU B 155 -15.12 1.09 -10.29
N HIS B 156 -14.78 1.03 -9.00
CA HIS B 156 -14.39 2.26 -8.30
C HIS B 156 -13.27 2.94 -9.03
N HIS B 157 -12.24 2.16 -9.40
CA HIS B 157 -11.08 2.74 -10.11
C HIS B 157 -11.38 3.27 -11.53
N VAL B 158 -12.34 2.64 -12.20
CA VAL B 158 -12.89 3.15 -13.47
C VAL B 158 -13.28 4.63 -13.36
N TRP B 159 -13.94 4.98 -12.25
CA TRP B 159 -14.35 6.35 -11.99
C TRP B 159 -13.29 7.22 -11.40
N ASP B 160 -12.45 6.69 -10.49
CA ASP B 160 -11.34 7.50 -9.93
C ASP B 160 -10.38 7.90 -11.02
N ARG B 161 -10.14 7.01 -11.99
CA ARG B 161 -9.01 7.20 -12.94
C ARG B 161 -9.15 6.72 -14.40
N GLU B 162 -9.61 5.49 -14.61
CA GLU B 162 -9.55 4.87 -15.93
C GLU B 162 -10.24 5.73 -17.01
N ILE B 163 -11.40 6.29 -16.70
CA ILE B 163 -12.12 7.07 -17.68
C ILE B 163 -11.33 8.32 -17.96
N ILE B 164 -10.78 8.97 -16.93
CA ILE B 164 -9.93 10.16 -17.16
C ILE B 164 -8.68 9.84 -17.98
N LEU B 165 -7.97 8.77 -17.68
CA LEU B 165 -6.71 8.51 -18.39
C LEU B 165 -7.02 8.25 -19.86
N THR B 166 -8.08 7.47 -20.09
CA THR B 166 -8.45 7.04 -21.43
C THR B 166 -8.89 8.19 -22.30
N ALA B 167 -9.62 9.15 -21.74
CA ALA B 167 -9.94 10.37 -22.47
C ALA B 167 -8.66 11.20 -22.69
N ALA B 168 -7.75 11.20 -21.73
CA ALA B 168 -6.51 11.97 -21.86
C ALA B 168 -5.67 11.45 -23.03
N LYS B 169 -5.42 10.15 -23.05
CA LYS B 169 -4.60 9.56 -24.12
C LYS B 169 -5.31 9.68 -25.47
N ASP B 170 -6.63 9.45 -25.49
CA ASP B 170 -7.44 9.45 -26.74
C ASP B 170 -7.60 10.82 -27.39
N TYR B 171 -7.87 11.86 -26.61
CA TYR B 171 -8.24 13.20 -27.16
C TYR B 171 -7.24 14.34 -26.86
N TYR B 172 -6.20 14.07 -26.08
CA TYR B 172 -5.33 15.15 -25.58
C TYR B 172 -3.83 14.80 -25.53
N ALA B 173 -3.40 13.76 -26.25
CA ALA B 173 -2.00 13.29 -26.22
C ALA B 173 -1.46 13.05 -24.78
N LYS B 174 -2.34 12.53 -23.92
CA LYS B 174 -2.03 12.22 -22.52
C LYS B 174 -1.84 13.47 -21.65
N ASP B 175 -2.16 14.64 -22.20
CA ASP B 175 -1.94 15.90 -21.48
C ASP B 175 -3.19 16.31 -20.69
N ILE B 176 -3.12 16.06 -19.38
CA ILE B 176 -4.16 16.43 -18.43
C ILE B 176 -4.46 17.93 -18.48
N ASN B 177 -3.43 18.76 -18.62
CA ASN B 177 -3.62 20.22 -18.70
C ASN B 177 -4.58 20.66 -19.80
N LEU B 178 -4.50 20.05 -20.99
CA LEU B 178 -5.42 20.42 -22.11
C LEU B 178 -6.83 19.95 -21.85
N LEU B 179 -7.00 18.77 -21.23
CA LEU B 179 -8.33 18.25 -20.85
C LEU B 179 -8.98 19.19 -19.83
N GLU B 180 -8.18 19.66 -18.90
CA GLU B 180 -8.64 20.58 -17.87
C GLU B 180 -9.19 21.85 -18.50
N GLU B 181 -8.37 22.45 -19.37
CA GLU B 181 -8.71 23.70 -20.03
C GLU B 181 -9.98 23.56 -20.87
N ASP B 182 -10.21 22.37 -21.43
CA ASP B 182 -11.48 22.09 -22.10
C ASP B 182 -12.67 21.88 -21.16
N ILE B 183 -12.44 21.37 -19.95
CA ILE B 183 -13.53 21.27 -18.95
C ILE B 183 -13.82 22.68 -18.40
N GLU B 184 -12.78 23.48 -18.18
CA GLU B 184 -12.94 24.87 -17.71
C GLU B 184 -13.79 25.73 -18.65
N GLY B 185 -13.50 25.66 -19.95
CA GLY B 185 -14.24 26.42 -20.95
C GLY B 185 -15.68 25.96 -21.18
N ASP B 186 -15.91 24.65 -21.12
CA ASP B 186 -17.24 24.09 -21.42
C ASP B 186 -18.23 24.32 -20.27
N PHE B 187 -17.73 24.34 -19.03
CA PHE B 187 -18.58 24.51 -17.85
C PHE B 187 -18.33 25.84 -17.13
N THR B 188 -17.88 26.86 -17.87
CA THR B 188 -17.81 28.23 -17.35
C THR B 188 -18.05 29.26 -18.47
N ASP B 189 -19.20 29.19 -19.11
CA ASP B 189 -19.59 30.18 -20.12
C ASP B 189 -21.10 30.16 -20.39
N GLY B 190 -21.83 31.08 -19.76
CA GLY B 190 -23.27 31.17 -19.95
C GLY B 190 -23.77 32.58 -19.74
N GLU B 201 -25.39 28.03 -5.43
CA GLU B 201 -25.65 28.55 -4.10
C GLU B 201 -26.61 27.59 -3.40
N CYS B 202 -26.40 27.39 -2.11
CA CYS B 202 -27.33 26.63 -1.23
C CYS B 202 -27.55 27.45 0.04
N GLY B 203 -28.50 27.03 0.88
CA GLY B 203 -28.79 27.77 2.11
C GLY B 203 -27.55 27.95 2.97
N ASN B 204 -27.08 26.82 3.53
CA ASN B 204 -25.87 26.77 4.34
C ASN B 204 -24.91 25.71 3.76
N VAL B 205 -23.77 25.53 4.40
CA VAL B 205 -22.82 24.47 4.01
C VAL B 205 -23.34 23.06 4.28
N PHE B 206 -24.14 22.88 5.33
CA PHE B 206 -24.68 21.57 5.63
C PHE B 206 -25.51 21.07 4.45
N SER B 207 -26.44 21.92 3.99
CA SER B 207 -27.33 21.56 2.87
C SER B 207 -26.60 21.46 1.53
N CYS B 208 -25.63 22.37 1.28
CA CYS B 208 -24.70 22.26 0.16
C CYS B 208 -24.13 20.84 0.05
N VAL B 209 -23.50 20.34 1.12
CA VAL B 209 -22.84 19.03 1.06
C VAL B 209 -23.84 17.91 0.89
N ASN B 210 -25.02 18.03 1.49
CA ASN B 210 -26.11 17.05 1.28
C ASN B 210 -26.47 16.93 -0.19
N LYS B 211 -26.43 18.06 -0.91
CA LYS B 211 -26.87 18.05 -2.30
C LYS B 211 -25.78 17.34 -3.13
N PHE B 212 -24.55 17.83 -3.05
CA PHE B 212 -23.37 17.19 -3.65
C PHE B 212 -23.36 15.67 -3.43
N ALA B 213 -23.58 15.26 -2.19
CA ALA B 213 -23.61 13.85 -1.83
C ALA B 213 -24.73 13.06 -2.51
N THR B 214 -25.86 13.75 -2.72
CA THR B 214 -27.07 13.10 -3.25
C THR B 214 -26.94 12.98 -4.78
N GLU B 215 -26.46 14.04 -5.42
CA GLU B 215 -26.07 13.99 -6.83
C GLU B 215 -25.20 12.74 -7.05
N SER B 216 -24.10 12.62 -6.30
CA SER B 216 -23.14 11.49 -6.48
C SER B 216 -23.77 10.09 -6.29
N ILE B 217 -24.61 9.91 -5.25
CA ILE B 217 -25.27 8.63 -5.09
C ILE B 217 -26.23 8.28 -6.27
N ASN B 218 -26.93 9.29 -6.78
CA ASN B 218 -27.81 9.12 -7.93
C ASN B 218 -27.07 8.64 -9.18
N ILE B 219 -26.01 9.36 -9.52
CA ILE B 219 -25.13 8.98 -10.62
C ILE B 219 -24.60 7.56 -10.41
N ALA B 220 -24.07 7.27 -9.22
CA ALA B 220 -23.57 5.91 -8.96
C ALA B 220 -24.60 4.84 -9.33
N CYS B 221 -25.84 5.00 -8.88
CA CYS B 221 -26.88 3.99 -9.20
C CYS B 221 -27.20 3.91 -10.70
N LYS B 222 -27.38 5.07 -11.33
CA LYS B 222 -27.83 5.12 -12.72
C LYS B 222 -26.73 4.74 -13.71
N TRP B 223 -25.49 5.09 -13.38
CA TRP B 223 -24.38 5.05 -14.34
C TRP B 223 -23.20 4.26 -13.90
N GLY B 224 -22.95 4.24 -12.59
CA GLY B 224 -21.86 3.48 -12.03
C GLY B 224 -22.24 2.03 -12.07
N TYR B 225 -23.10 1.61 -11.16
CA TYR B 225 -23.39 0.19 -10.99
C TYR B 225 -24.19 -0.42 -12.16
N LYS B 226 -24.91 0.41 -12.91
CA LYS B 226 -25.89 -0.07 -13.90
C LYS B 226 -25.25 -0.74 -15.11
N GLY B 227 -25.70 -1.98 -15.38
CA GLY B 227 -25.21 -2.77 -16.51
C GLY B 227 -23.90 -3.50 -16.24
N VAL B 228 -23.26 -3.18 -15.12
CA VAL B 228 -21.93 -3.69 -14.81
C VAL B 228 -22.00 -5.06 -14.13
N GLU B 229 -21.43 -6.05 -14.79
CA GLU B 229 -21.25 -7.36 -14.18
C GLU B 229 -19.79 -7.55 -13.71
N ALA B 230 -19.62 -8.15 -12.53
CA ALA B 230 -18.30 -8.58 -12.08
C ALA B 230 -17.64 -9.44 -13.16
N GLY B 231 -16.30 -9.37 -13.24
CA GLY B 231 -15.55 -10.16 -14.19
C GLY B 231 -15.75 -9.85 -15.67
N GLU B 232 -16.45 -8.74 -15.99
CA GLU B 232 -16.74 -8.42 -17.40
C GLU B 232 -15.90 -7.27 -17.92
N THR B 233 -15.78 -7.19 -19.24
CA THR B 233 -15.04 -6.12 -19.91
C THR B 233 -15.93 -4.94 -20.26
N LEU B 234 -15.59 -3.80 -19.68
CA LEU B 234 -16.12 -2.51 -20.09
C LEU B 234 -15.19 -1.94 -21.12
N SER B 235 -15.75 -1.41 -22.21
CA SER B 235 -14.92 -0.85 -23.30
C SER B 235 -15.58 0.41 -23.85
N ASP B 236 -15.67 0.53 -25.17
CA ASP B 236 -16.06 1.80 -25.84
C ASP B 236 -17.43 2.38 -25.43
N ASP B 237 -18.43 1.51 -25.28
CA ASP B 237 -19.81 1.94 -24.99
C ASP B 237 -19.91 2.54 -23.60
N TYR B 238 -19.36 1.84 -22.60
CA TYR B 238 -19.36 2.35 -21.25
C TYR B 238 -18.47 3.60 -21.15
N PHE B 239 -17.34 3.62 -21.86
CA PHE B 239 -16.45 4.80 -21.83
C PHE B 239 -17.16 6.01 -22.43
N ASN B 240 -17.61 5.88 -23.69
CA ASN B 240 -18.31 6.96 -24.40
C ASN B 240 -19.49 7.57 -23.63
N SER B 241 -20.32 6.71 -23.01
CA SER B 241 -21.54 7.17 -22.35
C SER B 241 -21.26 7.83 -20.97
N ARG B 242 -20.39 7.23 -20.15
CA ARG B 242 -20.02 7.78 -18.83
C ARG B 242 -19.03 8.97 -18.80
N LEU B 243 -18.26 9.16 -19.86
CA LEU B 243 -17.21 10.18 -19.89
C LEU B 243 -17.73 11.55 -19.57
N PRO B 244 -18.83 11.96 -20.24
CA PRO B 244 -19.28 13.32 -19.93
C PRO B 244 -19.86 13.46 -18.51
N ILE B 245 -20.26 12.35 -17.89
CA ILE B 245 -20.68 12.39 -16.48
C ILE B 245 -19.45 12.65 -15.60
N VAL B 246 -18.34 12.04 -15.96
CA VAL B 246 -17.10 12.22 -15.20
C VAL B 246 -16.59 13.68 -15.31
N MET B 247 -16.68 14.24 -16.52
CA MET B 247 -16.17 15.63 -16.74
C MET B 247 -17.02 16.67 -15.99
N LYS B 248 -18.32 16.42 -15.91
CA LYS B 248 -19.28 17.31 -15.22
C LYS B 248 -18.85 17.38 -13.75
N ARG B 249 -18.82 16.20 -13.12
CA ARG B 249 -18.41 16.05 -11.72
C ARG B 249 -17.07 16.71 -11.40
N VAL B 250 -16.10 16.64 -12.31
CA VAL B 250 -14.82 17.34 -12.10
C VAL B 250 -15.08 18.84 -12.06
N ALA B 251 -15.81 19.33 -13.05
CA ALA B 251 -16.12 20.75 -13.13
C ALA B 251 -16.94 21.17 -11.91
N GLN B 252 -17.99 20.43 -11.59
CA GLN B 252 -18.84 20.86 -10.48
C GLN B 252 -17.98 21.02 -9.21
N GLY B 253 -17.21 19.98 -8.90
CA GLY B 253 -16.33 19.99 -7.73
C GLY B 253 -15.48 21.24 -7.64
N GLY B 254 -14.81 21.59 -8.74
CA GLY B 254 -13.91 22.76 -8.78
C GLY B 254 -14.61 24.12 -8.68
N ILE B 255 -15.81 24.21 -9.25
CA ILE B 255 -16.62 25.43 -9.17
C ILE B 255 -17.11 25.64 -7.73
N ARG B 256 -17.78 24.62 -7.19
CA ARG B 256 -18.27 24.67 -5.81
C ARG B 256 -17.13 24.90 -4.75
N LEU B 257 -15.92 24.39 -4.99
CA LEU B 257 -14.82 24.58 -4.03
C LEU B 257 -14.35 26.05 -4.05
N ALA B 258 -14.30 26.65 -5.23
CA ALA B 258 -14.10 28.09 -5.35
C ALA B 258 -15.20 28.85 -4.59
N MET B 259 -16.42 28.33 -4.63
CA MET B 259 -17.55 28.92 -3.92
C MET B 259 -17.20 29.04 -2.45
N LEU B 260 -16.89 27.89 -1.81
CA LEU B 260 -16.63 27.84 -0.36
C LEU B 260 -15.44 28.67 -0.01
N LEU B 261 -14.33 28.46 -0.69
CA LEU B 261 -13.17 29.26 -0.38
C LEU B 261 -13.49 30.78 -0.47
N ASN B 262 -14.30 31.17 -1.47
CA ASN B 262 -14.66 32.59 -1.64
C ASN B 262 -15.46 33.14 -0.45
N ASN B 263 -16.51 32.44 -0.04
CA ASN B 263 -17.26 32.81 1.17
C ASN B 263 -16.44 32.83 2.48
N VAL B 264 -15.68 31.77 2.74
CA VAL B 264 -14.96 31.65 4.02
C VAL B 264 -13.86 32.69 4.19
N PHE B 265 -13.19 33.06 3.10
CA PHE B 265 -12.14 34.07 3.19
C PHE B 265 -12.66 35.48 2.85
C1 NAG C . -2.62 -8.89 -2.48
C2 NAG C . -2.96 -10.36 -2.23
C3 NAG C . -4.46 -10.54 -2.04
C4 NAG C . -4.99 -9.60 -0.96
C5 NAG C . -4.32 -8.20 -0.93
C6 NAG C . -4.47 -7.52 0.43
C7 NAG C . -1.16 -11.87 -2.91
C8 NAG C . -0.62 -12.86 -3.90
N2 NAG C . -2.36 -11.32 -3.15
O3 NAG C . -4.66 -11.89 -1.68
O4 NAG C . -6.39 -9.44 -1.12
O5 NAG C . -2.92 -8.20 -1.28
O6 NAG C . -4.51 -6.11 0.33
O7 NAG C . -0.51 -11.56 -1.90
C1 NAG C . -7.17 -10.57 -0.64
C2 NAG C . -8.58 -10.14 -0.25
C3 NAG C . -9.34 -11.32 0.33
C4 NAG C . -9.32 -12.51 -0.63
C5 NAG C . -7.90 -12.78 -1.13
C6 NAG C . -7.88 -13.83 -2.25
C7 NAG C . -8.53 -7.75 0.29
C8 NAG C . -8.49 -6.71 1.37
N2 NAG C . -8.54 -9.02 0.69
O3 NAG C . -10.69 -10.95 0.60
O4 NAG C . -9.88 -13.65 -0.02
O5 NAG C . -7.30 -11.59 -1.61
O6 NAG C . -7.06 -14.91 -1.88
O7 NAG C . -8.55 -7.41 -0.90
C1 NAG D . -3.80 -0.45 8.85
C2 NAG D . -4.79 0.22 9.74
C3 NAG D . -4.21 0.43 11.14
C4 NAG D . -3.66 -0.89 11.68
C5 NAG D . -2.70 -1.51 10.69
C6 NAG D . -2.26 -2.90 11.13
C7 NAG D . -6.60 1.70 8.93
C8 NAG D . -7.03 3.00 8.30
N2 NAG D . -5.27 1.45 9.14
O3 NAG D . -5.21 0.96 12.00
O4 NAG D . -2.87 -0.64 12.82
O5 NAG D . -3.32 -1.65 9.44
O6 NAG D . -3.27 -3.80 10.81
O7 NAG D . -7.46 0.87 9.22
C1 NAG D . -3.34 -1.22 14.05
C2 NAG D . -2.16 -1.29 15.01
C3 NAG D . -2.53 -1.76 16.41
C4 NAG D . -3.73 -0.94 16.91
C5 NAG D . -4.84 -0.84 15.85
C6 NAG D . -5.99 0.06 16.28
C7 NAG D . -0.11 -1.79 13.78
C8 NAG D . 0.84 -2.85 13.32
N2 NAG D . -1.16 -2.23 14.48
O3 NAG D . -1.43 -1.74 17.30
O4 NAG D . -4.31 -1.66 17.96
O5 NAG D . -4.36 -0.41 14.58
O6 NAG D . -7.15 -0.67 15.90
O7 NAG D . 0.10 -0.60 13.51
C1 BMA D . -4.21 -0.97 19.21
C2 BMA D . -5.02 -1.81 20.19
C3 BMA D . -4.95 -1.31 21.64
C4 BMA D . -3.56 -0.80 22.02
C5 BMA D . -2.73 -0.17 20.88
C6 BMA D . -1.23 -0.15 21.21
O2 BMA D . -4.62 -3.17 20.08
O3 BMA D . -5.27 -2.41 22.47
O4 BMA D . -3.75 0.17 23.03
O5 BMA D . -2.88 -0.82 19.63
O6 BMA D . -0.67 -1.45 21.17
C1 MAN D . -6.43 -2.27 23.34
C2 MAN D . -6.67 -3.66 23.98
C3 MAN D . -7.41 -4.61 23.02
C4 MAN D . -8.65 -3.94 22.44
C5 MAN D . -8.30 -2.60 21.82
C6 MAN D . -9.54 -1.88 21.31
O2 MAN D . -7.36 -3.54 25.20
O3 MAN D . -7.74 -5.82 23.65
O4 MAN D . -9.20 -4.79 21.46
O5 MAN D . -7.63 -1.77 22.76
O6 MAN D . -9.17 -0.90 20.36
C1 MAN D . 0.66 -1.50 21.76
C2 MAN D . 1.31 -2.84 21.35
C3 MAN D . 0.73 -4.03 22.12
C4 MAN D . 0.61 -3.73 23.62
C5 MAN D . 0.02 -2.34 23.89
C6 MAN D . -0.05 -2.06 25.39
O2 MAN D . 2.72 -2.78 21.50
O3 MAN D . 1.49 -5.22 21.87
O4 MAN D . -0.27 -4.67 24.19
O5 MAN D . 0.73 -1.33 23.17
O6 MAN D . 0.49 -0.82 25.72
C1 NAG E . -12.25 17.79 12.38
C2 NAG E . -12.45 16.26 12.42
C3 NAG E . -11.84 15.69 13.70
C4 NAG E . -10.41 16.20 13.88
C5 NAG E . -10.20 17.68 13.50
C6 NAG E . -8.72 17.96 13.36
C7 NAG E . -14.36 15.59 11.01
C8 NAG E . -15.73 14.94 10.95
N2 NAG E . -13.79 15.70 12.23
O3 NAG E . -11.90 14.27 13.70
O4 NAG E . -10.02 16.00 15.23
O5 NAG E . -10.87 18.03 12.27
O6 NAG E . -8.54 19.36 13.35
O7 NAG E . -13.80 16.01 9.97
C1 NAG E . -9.49 14.66 15.45
C2 NAG E . -8.49 14.72 16.61
C3 NAG E . -7.86 13.34 16.75
C4 NAG E . -8.96 12.36 17.10
C5 NAG E . -9.98 12.37 15.94
C6 NAG E . -11.17 11.42 16.15
C7 NAG E . -7.52 16.97 16.89
C8 NAG E . -6.34 17.85 16.60
N2 NAG E . -7.44 15.71 16.41
O3 NAG E . -6.87 13.38 17.75
O4 NAG E . -8.38 11.09 17.26
O5 NAG E . -10.49 13.67 15.69
O6 NAG E . -11.36 10.74 14.93
O7 NAG E . -8.48 17.40 17.54
C1 BMA E . -8.77 10.45 18.50
C2 BMA E . -8.83 8.94 18.31
C3 BMA E . -9.53 8.33 19.53
C4 BMA E . -9.09 8.96 20.87
C5 BMA E . -8.53 10.40 20.81
C6 BMA E . -7.55 10.71 21.94
O2 BMA E . -7.50 8.44 18.23
O3 BMA E . -9.37 6.92 19.57
O4 BMA E . -10.22 8.97 21.72
O5 BMA E . -7.89 10.66 19.58
O6 BMA E . -7.52 12.10 22.19
C1 MAN E . -9.93 6.25 18.41
C2 MAN E . -10.73 5.01 18.80
C3 MAN E . -9.89 3.76 19.10
C4 MAN E . -8.63 3.65 18.23
C5 MAN E . -7.97 5.02 18.04
C6 MAN E . -6.70 4.97 17.18
O2 MAN E . -11.64 4.70 17.76
O3 MAN E . -10.70 2.60 18.99
O4 MAN E . -7.69 2.80 18.86
O5 MAN E . -8.91 5.92 17.49
O6 MAN E . -6.87 4.14 16.05
C1 NAG F . 0.64 22.26 9.42
C2 NAG F . 2.01 22.29 10.05
C3 NAG F . 3.07 22.30 8.95
C4 NAG F . 2.88 21.08 8.04
C5 NAG F . 1.46 20.98 7.52
C6 NAG F . 1.18 19.62 6.85
C7 NAG F . 2.59 23.55 12.12
C8 NAG F . 2.55 24.90 12.77
N2 NAG F . 2.07 23.49 10.89
O3 NAG F . 4.40 22.29 9.48
O4 NAG F . 3.72 21.28 6.90
O5 NAG F . 0.51 21.19 8.52
O6 NAG F . 0.85 18.57 7.74
O7 NAG F . 3.09 22.62 12.73
C1 NAG F . 4.67 20.24 6.72
C2 NAG F . 5.01 20.26 5.24
C3 NAG F . 6.17 19.36 4.87
C4 NAG F . 7.35 19.62 5.79
C5 NAG F . 6.95 19.64 7.26
C6 NAG F . 8.12 20.15 8.10
C7 NAG F . 3.11 20.71 3.81
C8 NAG F . 1.94 20.16 3.04
N2 NAG F . 3.86 19.84 4.46
O3 NAG F . 6.55 19.62 3.53
O4 NAG F . 8.25 18.56 5.56
O5 NAG F . 5.81 20.45 7.53
O6 NAG F . 7.93 19.66 9.40
O7 NAG F . 3.36 21.92 3.85
C1 BMA F . 9.50 19.04 5.05
C2 BMA F . 10.51 17.89 5.13
C3 BMA F . 11.85 18.36 4.57
C4 BMA F . 11.66 18.97 3.18
C5 BMA F . 10.60 20.09 3.25
C6 BMA F . 10.29 20.80 1.93
O2 BMA F . 10.04 16.75 4.45
O3 BMA F . 12.82 17.31 4.56
O4 BMA F . 12.89 19.48 2.69
O5 BMA F . 9.40 19.54 3.73
O6 BMA F . 11.07 20.34 0.83
C1 MAN F . 13.53 17.18 5.83
C2 MAN F . 14.88 16.52 5.57
C3 MAN F . 14.66 15.10 5.05
C4 MAN F . 13.77 14.29 5.99
C5 MAN F . 12.51 15.07 6.40
C6 MAN F . 11.70 14.35 7.48
O2 MAN F . 15.69 16.53 6.73
O3 MAN F . 15.89 14.42 4.90
O4 MAN F . 13.42 13.11 5.33
O5 MAN F . 12.83 16.40 6.81
O6 MAN F . 11.84 14.94 8.75
C1 MAN F . 10.26 19.97 -0.32
C2 MAN F . 9.97 18.46 -0.30
C3 MAN F . 11.23 17.67 -0.65
C4 MAN F . 11.83 18.20 -1.96
C5 MAN F . 12.10 19.69 -1.81
C6 MAN F . 12.73 20.29 -3.05
O2 MAN F . 8.89 18.15 -1.16
O3 MAN F . 10.97 16.27 -0.72
O4 MAN F . 13.02 17.50 -2.28
O5 MAN F . 10.88 20.36 -1.54
O6 MAN F . 12.86 21.69 -2.87
ZN ZN G . 10.02 -16.09 9.14
ZN ZN H . 6.79 -16.08 8.22
ZN ZN I . 9.67 -20.94 9.20
CL CL J . -2.52 -5.42 14.75
ZN ZN K . -10.01 11.24 -4.55
ZN ZN L . -9.35 11.00 -1.29
ZN ZN M . -11.50 6.60 -4.79
CL CL N . 3.59 16.77 4.69
NA NA O . -26.23 3.95 10.73
#